data_1IHO
#
_entry.id   1IHO
#
_cell.length_a   66.031
_cell.length_b   78.075
_cell.length_c   77.126
_cell.angle_alpha   90.00
_cell.angle_beta   103.71
_cell.angle_gamma   90.00
#
_symmetry.space_group_name_H-M   'P 1 21 1'
#
loop_
_entity.id
_entity.type
_entity.pdbx_description
1 polymer 'PANTOATE--BETA-ALANINE LIGASE'
2 non-polymer 2-AMINO-2-HYDROXYMETHYL-PROPANE-1,3-DIOL
3 non-polymer 1,2-ETHANEDIOL
4 water water
#
_entity_poly.entity_id   1
_entity_poly.type   'polypeptide(L)'
_entity_poly.pdbx_seq_one_letter_code
;MLIIETLPLLRQQIRRLRMEGKRVALVPTMGNLHDGHMKLVDEAKARADVVVVSIFVNPMQFDRPEDLARYPRTLQEDCE
KLNKRKVDLVFAPSVKEIYPNGTETHTYVDVPGLSTMLEGASRPGHFRGVSTIVSKLFNLVQPDIACFGEKDFQQLALIR
KMVADMGFDIEIVGVPIMRAKDGLALSSRNGYLTAEQRKIAPGLYKVLSSIADKLQAGERDLDEIITIAGQELNEKGFRA
DDIQIRDADTLLEVSETSKRAVILVAAWLGDARLIDNKMVELA
;
_entity_poly.pdbx_strand_id   A,B
#
loop_
_chem_comp.id
_chem_comp.type
_chem_comp.name
_chem_comp.formula
EDO non-polymer 1,2-ETHANEDIOL 'C2 H6 O2'
TRS non-polymer 2-AMINO-2-HYDROXYMETHYL-PROPANE-1,3-DIOL 'C4 H12 N O3 1'
#
# COMPACT_ATOMS: atom_id res chain seq x y z
N MET A 1 12.39 25.80 -10.57
CA MET A 1 11.75 24.49 -10.60
C MET A 1 12.74 23.34 -10.65
N LEU A 2 12.73 22.54 -9.59
CA LEU A 2 13.65 21.41 -9.55
C LEU A 2 13.09 20.22 -10.29
N ILE A 3 13.92 19.56 -11.06
CA ILE A 3 13.53 18.33 -11.73
C ILE A 3 14.33 17.20 -11.09
N ILE A 4 13.66 16.28 -10.44
CA ILE A 4 14.28 15.22 -9.67
C ILE A 4 14.03 13.87 -10.32
N GLU A 5 15.05 13.02 -10.45
CA GLU A 5 14.89 11.78 -11.18
C GLU A 5 15.13 10.54 -10.34
N THR A 6 15.71 10.71 -9.14
CA THR A 6 15.98 9.52 -8.36
C THR A 6 15.26 9.54 -7.00
N LEU A 7 15.00 8.37 -6.45
CA LEU A 7 14.34 8.25 -5.16
C LEU A 7 15.13 8.88 -4.02
N PRO A 8 16.43 8.66 -3.88
CA PRO A 8 17.12 9.30 -2.74
C PRO A 8 17.02 10.80 -2.70
N LEU A 9 17.20 11.45 -3.83
CA LEU A 9 17.12 12.88 -3.96
C LEU A 9 15.69 13.40 -3.79
N LEU A 10 14.72 12.59 -4.19
CA LEU A 10 13.33 13.02 -3.95
C LEU A 10 13.05 12.99 -2.45
N ARG A 11 13.49 11.90 -1.82
CA ARG A 11 13.21 11.79 -0.37
C ARG A 11 13.87 12.90 0.40
N GLN A 12 15.06 13.30 -0.02
CA GLN A 12 15.67 14.44 0.63
C GLN A 12 14.88 15.73 0.49
N GLN A 13 14.40 16.04 -0.71
CA GLN A 13 13.66 17.27 -0.94
C GLN A 13 12.34 17.25 -0.17
N ILE A 14 11.68 16.08 -0.23
CA ILE A 14 10.41 15.95 0.48
C ILE A 14 10.60 16.05 1.98
N ARG A 15 11.57 15.35 2.56
CA ARG A 15 11.80 15.50 4.00
C ARG A 15 12.04 16.96 4.37
N ARG A 16 12.85 17.64 3.56
CA ARG A 16 13.13 19.02 3.93
C ARG A 16 11.95 19.95 3.77
N LEU A 17 11.12 19.73 2.75
CA LEU A 17 9.93 20.56 2.60
C LEU A 17 9.00 20.40 3.79
N ARG A 18 8.81 19.14 4.17
CA ARG A 18 7.91 18.91 5.29
C ARG A 18 8.52 19.40 6.61
N MET A 19 9.84 19.33 6.71
CA MET A 19 10.50 19.81 7.95
C MET A 19 10.21 21.27 8.16
N GLU A 20 10.15 21.99 7.04
CA GLU A 20 9.85 23.39 7.02
C GLU A 20 8.37 23.71 7.15
N GLY A 21 7.56 22.70 7.32
CA GLY A 21 6.14 22.76 7.57
C GLY A 21 5.33 23.14 6.34
N LYS A 22 5.86 22.84 5.16
CA LYS A 22 5.13 23.21 3.94
C LYS A 22 4.03 22.18 3.69
N ARG A 23 2.83 22.58 3.33
CA ARG A 23 1.80 21.64 2.88
C ARG A 23 2.07 21.28 1.42
N VAL A 24 2.11 20.00 1.11
CA VAL A 24 2.45 19.51 -0.21
C VAL A 24 1.25 18.95 -0.96
N ALA A 25 1.10 19.34 -2.21
CA ALA A 25 0.14 18.78 -3.14
C ALA A 25 0.88 18.02 -4.23
N LEU A 26 0.27 16.90 -4.62
CA LEU A 26 0.81 16.05 -5.67
C LEU A 26 -0.17 15.91 -6.82
N VAL A 27 0.34 16.11 -8.04
CA VAL A 27 -0.42 15.85 -9.25
C VAL A 27 0.27 14.72 -10.00
N PRO A 28 -0.21 13.50 -9.91
CA PRO A 28 0.37 12.40 -10.69
C PRO A 28 -0.05 12.42 -12.16
N THR A 29 0.93 12.26 -13.05
CA THR A 29 0.68 12.27 -14.49
C THR A 29 1.60 11.28 -15.21
N MET A 30 1.25 10.99 -16.45
CA MET A 30 2.12 10.19 -17.33
C MET A 30 2.67 11.04 -18.48
N GLY A 31 2.74 12.34 -18.23
CA GLY A 31 3.35 13.23 -19.20
C GLY A 31 2.40 13.55 -20.34
N ASN A 32 2.93 14.17 -21.40
CA ASN A 32 2.09 14.56 -22.55
C ASN A 32 1.00 15.51 -22.06
N LEU A 33 1.41 16.55 -21.35
CA LEU A 33 0.53 17.42 -20.61
C LEU A 33 -0.21 18.38 -21.52
N HIS A 34 -1.42 18.71 -21.14
CA HIS A 34 -2.44 19.49 -21.82
C HIS A 34 -3.21 20.31 -20.80
N ASP A 35 -4.17 21.13 -21.25
CA ASP A 35 -4.83 22.09 -20.41
C ASP A 35 -5.57 21.55 -19.19
N GLY A 36 -6.14 20.37 -19.28
CA GLY A 36 -6.67 19.49 -18.26
C GLY A 36 -5.68 19.39 -17.12
N HIS A 37 -4.43 19.03 -17.45
CA HIS A 37 -3.41 18.89 -16.41
C HIS A 37 -3.05 20.23 -15.82
N MET A 38 -3.02 21.28 -16.64
CA MET A 38 -2.71 22.61 -16.10
C MET A 38 -3.76 23.04 -15.07
N LYS A 39 -5.03 22.64 -15.20
CA LYS A 39 -6.05 22.99 -14.22
C LYS A 39 -5.80 22.24 -12.90
N LEU A 40 -5.35 20.98 -12.97
CA LEU A 40 -4.99 20.23 -11.78
C LEU A 40 -3.89 20.97 -11.02
N VAL A 41 -2.87 21.41 -11.72
CA VAL A 41 -1.78 22.20 -11.13
C VAL A 41 -2.29 23.47 -10.51
N ASP A 42 -3.19 24.20 -11.20
CA ASP A 42 -3.72 25.43 -10.63
C ASP A 42 -4.49 25.15 -9.34
N GLU A 43 -5.24 24.05 -9.30
CA GLU A 43 -5.94 23.70 -8.06
C GLU A 43 -4.96 23.35 -6.93
N ALA A 44 -3.90 22.64 -7.31
CA ALA A 44 -2.88 22.26 -6.34
C ALA A 44 -2.16 23.52 -5.82
N LYS A 45 -1.85 24.45 -6.69
CA LYS A 45 -1.18 25.67 -6.22
C LYS A 45 -2.06 26.47 -5.28
N ALA A 46 -3.37 26.54 -5.51
CA ALA A 46 -4.20 27.29 -4.57
C ALA A 46 -4.38 26.61 -3.23
N ARG A 47 -4.24 25.29 -3.18
CA ARG A 47 -4.56 24.56 -1.97
C ARG A 47 -3.35 24.18 -1.12
N ALA A 48 -2.15 24.31 -1.67
CA ALA A 48 -1.00 23.88 -0.90
C ALA A 48 0.14 24.89 -1.01
N ASP A 49 1.14 24.80 -0.13
CA ASP A 49 2.31 25.64 -0.20
C ASP A 49 3.25 25.23 -1.34
N VAL A 50 3.37 23.94 -1.61
CA VAL A 50 4.32 23.41 -2.56
C VAL A 50 3.65 22.43 -3.50
N VAL A 51 3.93 22.49 -4.79
CA VAL A 51 3.29 21.58 -5.74
C VAL A 51 4.35 20.69 -6.38
N VAL A 52 4.10 19.39 -6.32
CA VAL A 52 4.90 18.36 -6.93
C VAL A 52 4.16 17.68 -8.07
N VAL A 53 4.74 17.66 -9.26
CA VAL A 53 4.09 16.93 -10.33
C VAL A 53 4.96 15.73 -10.69
N SER A 54 4.38 14.55 -10.73
CA SER A 54 5.14 13.38 -11.19
C SER A 54 4.81 13.16 -12.67
N ILE A 55 5.86 12.85 -13.42
CA ILE A 55 5.79 12.46 -14.79
C ILE A 55 6.45 11.08 -14.95
N PHE A 56 5.62 10.07 -15.13
CA PHE A 56 6.09 8.71 -15.22
C PHE A 56 5.15 7.85 -16.05
N VAL A 57 5.64 7.41 -17.21
CA VAL A 57 4.92 6.44 -18.01
C VAL A 57 5.12 5.07 -17.38
N ASN A 58 4.08 4.64 -16.69
CA ASN A 58 4.10 3.47 -15.82
C ASN A 58 3.82 2.18 -16.55
N PRO A 59 4.82 1.35 -16.78
CA PRO A 59 4.61 0.12 -17.55
C PRO A 59 3.51 -0.77 -16.99
N MET A 60 3.30 -0.77 -15.68
CA MET A 60 2.31 -1.65 -15.07
C MET A 60 0.90 -1.41 -15.51
N GLN A 61 0.63 -0.19 -15.99
CA GLN A 61 -0.76 0.04 -16.42
C GLN A 61 -0.94 -0.01 -17.93
N PHE A 62 -0.07 -0.68 -18.70
CA PHE A 62 -0.18 -0.89 -20.12
C PHE A 62 -0.41 -2.37 -20.45
N ASP A 63 -1.22 -2.66 -21.44
CA ASP A 63 -1.64 -4.03 -21.75
C ASP A 63 -0.55 -4.81 -22.44
N ARG A 64 0.26 -4.10 -23.23
CA ARG A 64 1.34 -4.86 -23.86
C ARG A 64 2.52 -3.95 -24.11
N PRO A 65 3.69 -4.55 -24.24
CA PRO A 65 4.89 -3.70 -24.33
C PRO A 65 4.89 -2.82 -25.57
N GLU A 66 4.13 -3.19 -26.62
CA GLU A 66 4.25 -2.36 -27.84
C GLU A 66 3.44 -1.08 -27.63
N ASP A 67 2.38 -1.22 -26.85
CA ASP A 67 1.64 0.00 -26.55
C ASP A 67 2.48 0.95 -25.73
N LEU A 68 3.17 0.39 -24.73
CA LEU A 68 4.06 1.21 -23.91
C LEU A 68 5.07 1.96 -24.75
N ALA A 69 5.62 1.26 -25.76
CA ALA A 69 6.66 1.87 -26.58
C ALA A 69 6.13 3.03 -27.41
N ARG A 70 4.87 2.91 -27.81
CA ARG A 70 4.32 3.96 -28.68
C ARG A 70 3.81 5.17 -27.89
N TYR A 71 3.67 5.05 -26.58
CA TYR A 71 3.13 6.16 -25.79
C TYR A 71 3.96 7.41 -25.97
N PRO A 72 3.26 8.53 -26.20
CA PRO A 72 3.96 9.79 -26.44
C PRO A 72 4.74 10.27 -25.23
N ARG A 73 5.95 10.73 -25.52
CA ARG A 73 6.83 11.31 -24.51
C ARG A 73 7.27 12.69 -24.95
N THR A 74 7.01 13.69 -24.14
CA THR A 74 7.21 15.10 -24.46
C THR A 74 7.78 15.82 -23.25
N LEU A 75 8.80 15.22 -22.65
CA LEU A 75 9.26 15.73 -21.38
C LEU A 75 9.67 17.18 -21.41
N GLN A 76 10.31 17.61 -22.51
CA GLN A 76 10.78 18.98 -22.52
C GLN A 76 9.62 19.97 -22.51
N GLU A 77 8.64 19.70 -23.34
CA GLU A 77 7.43 20.52 -23.40
C GLU A 77 6.66 20.48 -22.09
N ASP A 78 6.58 19.27 -21.52
CA ASP A 78 5.89 19.18 -20.22
C ASP A 78 6.53 20.10 -19.19
N CYS A 79 7.87 20.05 -19.13
CA CYS A 79 8.59 20.85 -18.15
C CYS A 79 8.50 22.35 -18.42
N GLU A 80 8.49 22.75 -19.68
CA GLU A 80 8.22 24.15 -20.02
C GLU A 80 6.85 24.55 -19.50
N LYS A 81 5.84 23.71 -19.69
CA LYS A 81 4.53 24.11 -19.20
C LYS A 81 4.44 24.23 -17.69
N LEU A 82 5.00 23.24 -16.99
CA LEU A 82 4.96 23.33 -15.52
C LEU A 82 5.82 24.43 -14.95
N ASN A 83 6.96 24.71 -15.60
CA ASN A 83 7.78 25.83 -15.12
C ASN A 83 7.02 27.13 -15.27
N LYS A 84 6.29 27.29 -16.37
CA LYS A 84 5.47 28.51 -16.49
C LYS A 84 4.37 28.57 -15.44
N ARG A 85 3.95 27.46 -14.87
CA ARG A 85 2.88 27.42 -13.85
C ARG A 85 3.45 27.46 -12.44
N LYS A 86 4.77 27.59 -12.35
CA LYS A 86 5.41 27.83 -11.07
C LYS A 86 5.37 26.60 -10.19
N VAL A 87 5.41 25.44 -10.84
CA VAL A 87 5.49 24.20 -10.06
C VAL A 87 6.83 24.13 -9.34
N ASP A 88 6.87 23.63 -8.12
CA ASP A 88 8.07 23.61 -7.30
C ASP A 88 8.97 22.44 -7.64
N LEU A 89 8.40 21.26 -7.92
CA LEU A 89 9.24 20.09 -8.15
C LEU A 89 8.59 19.18 -9.16
N VAL A 90 9.38 18.67 -10.08
CA VAL A 90 8.93 17.66 -11.01
C VAL A 90 9.73 16.38 -10.72
N PHE A 91 8.98 15.31 -10.50
CA PHE A 91 9.59 14.00 -10.29
C PHE A 91 9.43 13.19 -11.58
N ALA A 92 10.56 12.95 -12.24
CA ALA A 92 10.56 12.27 -13.52
C ALA A 92 11.55 11.11 -13.55
N PRO A 93 11.18 10.02 -12.89
CA PRO A 93 12.10 8.89 -12.77
C PRO A 93 12.08 7.96 -13.98
N SER A 94 13.14 7.17 -14.14
CA SER A 94 13.16 6.14 -15.15
C SER A 94 12.45 4.88 -14.69
N VAL A 95 12.11 4.04 -15.66
CA VAL A 95 11.46 2.77 -15.31
C VAL A 95 12.41 1.97 -14.43
N LYS A 96 13.71 2.03 -14.69
CA LYS A 96 14.61 1.22 -13.86
C LYS A 96 14.67 1.75 -12.43
N GLU A 97 14.53 3.06 -12.26
CA GLU A 97 14.53 3.64 -10.92
C GLU A 97 13.31 3.18 -10.12
N ILE A 98 12.16 3.06 -10.80
CA ILE A 98 10.93 2.70 -10.08
C ILE A 98 10.75 1.19 -9.96
N TYR A 99 11.16 0.47 -10.99
CA TYR A 99 10.98 -0.96 -11.07
C TYR A 99 12.30 -1.66 -11.39
N PRO A 100 13.27 -1.58 -10.48
CA PRO A 100 14.60 -2.14 -10.76
C PRO A 100 14.57 -3.63 -11.02
N ASN A 101 13.59 -4.36 -10.52
CA ASN A 101 13.55 -5.80 -10.77
C ASN A 101 12.41 -6.16 -11.70
N GLY A 102 11.91 -5.11 -12.37
CA GLY A 102 10.75 -5.31 -13.20
C GLY A 102 9.44 -5.16 -12.46
N THR A 103 8.32 -5.36 -13.17
CA THR A 103 7.02 -5.11 -12.56
C THR A 103 6.37 -6.37 -12.06
N GLU A 104 6.74 -7.52 -12.63
CA GLU A 104 6.03 -8.73 -12.30
C GLU A 104 6.25 -9.22 -10.88
N THR A 105 7.39 -8.90 -10.31
CA THR A 105 7.60 -9.40 -8.94
C THR A 105 7.53 -8.25 -7.94
N HIS A 106 7.08 -7.08 -8.40
CA HIS A 106 7.00 -5.92 -7.52
C HIS A 106 5.70 -6.05 -6.74
N THR A 107 5.75 -5.58 -5.50
CA THR A 107 4.56 -5.52 -4.65
C THR A 107 3.50 -4.72 -5.37
N TYR A 108 2.26 -5.17 -5.29
CA TYR A 108 1.16 -4.41 -5.87
C TYR A 108 0.00 -4.18 -4.90
N VAL A 109 -0.80 -3.19 -5.28
CA VAL A 109 -2.01 -2.80 -4.58
C VAL A 109 -3.21 -2.96 -5.50
N ASP A 110 -4.24 -3.65 -5.02
CA ASP A 110 -5.38 -3.99 -5.83
C ASP A 110 -6.66 -3.57 -5.11
N VAL A 111 -7.50 -2.83 -5.80
CA VAL A 111 -8.80 -2.41 -5.29
C VAL A 111 -9.91 -3.30 -5.86
N PRO A 112 -10.42 -4.24 -5.07
CA PRO A 112 -11.44 -5.17 -5.57
C PRO A 112 -12.66 -4.45 -6.14
N GLY A 113 -13.21 -5.03 -7.20
CA GLY A 113 -14.46 -4.53 -7.73
C GLY A 113 -14.20 -3.43 -8.71
N LEU A 114 -13.76 -2.27 -8.21
CA LEU A 114 -13.56 -1.15 -9.09
C LEU A 114 -12.56 -1.45 -10.20
N SER A 115 -11.61 -2.31 -9.88
CA SER A 115 -10.49 -2.49 -10.81
C SER A 115 -10.91 -3.41 -11.95
N THR A 116 -12.01 -4.11 -11.74
CA THR A 116 -12.33 -5.13 -12.75
C THR A 116 -13.68 -4.88 -13.36
N MET A 117 -14.17 -3.64 -13.23
CA MET A 117 -15.40 -3.33 -13.94
C MET A 117 -15.21 -2.30 -15.03
N LEU A 118 -16.22 -2.22 -15.90
CA LEU A 118 -16.17 -1.26 -17.00
C LEU A 118 -14.84 -1.37 -17.75
N GLU A 119 -14.08 -0.29 -17.85
CA GLU A 119 -12.80 -0.25 -18.54
C GLU A 119 -11.84 -1.31 -18.03
N GLY A 120 -11.83 -1.55 -16.72
CA GLY A 120 -10.94 -2.57 -16.20
C GLY A 120 -11.23 -3.97 -16.66
N ALA A 121 -12.46 -4.33 -17.02
CA ALA A 121 -12.80 -5.64 -17.58
C ALA A 121 -12.10 -5.93 -18.89
N SER A 122 -11.90 -4.92 -19.72
CA SER A 122 -11.25 -5.05 -21.02
C SER A 122 -9.75 -4.77 -20.97
N ARG A 123 -9.28 -4.34 -19.80
CA ARG A 123 -7.86 -4.04 -19.57
C ARG A 123 -7.41 -4.66 -18.25
N PRO A 124 -7.23 -5.97 -18.26
CA PRO A 124 -6.84 -6.67 -17.03
C PRO A 124 -5.51 -6.13 -16.54
N GLY A 125 -5.36 -5.91 -15.24
CA GLY A 125 -4.07 -5.44 -14.77
C GLY A 125 -3.91 -3.95 -14.82
N HIS A 126 -4.69 -3.26 -15.64
CA HIS A 126 -4.51 -1.82 -15.77
C HIS A 126 -4.65 -1.06 -14.46
N PHE A 127 -5.81 -1.24 -13.80
CA PHE A 127 -6.10 -0.45 -12.60
C PHE A 127 -5.22 -0.89 -11.44
N ARG A 128 -4.85 -2.16 -11.38
CA ARG A 128 -3.84 -2.60 -10.45
C ARG A 128 -2.58 -1.77 -10.62
N GLY A 129 -2.25 -1.49 -11.88
CA GLY A 129 -1.09 -0.66 -12.18
C GLY A 129 -1.25 0.75 -11.63
N VAL A 130 -2.45 1.28 -11.79
CA VAL A 130 -2.76 2.62 -11.30
C VAL A 130 -2.66 2.69 -9.77
N SER A 131 -3.38 1.85 -9.05
CA SER A 131 -3.35 1.82 -7.59
C SER A 131 -1.95 1.55 -7.06
N THR A 132 -1.17 0.69 -7.70
CA THR A 132 0.21 0.45 -7.25
C THR A 132 1.09 1.68 -7.40
N ILE A 133 1.06 2.33 -8.57
CA ILE A 133 2.02 3.45 -8.69
C ILE A 133 1.53 4.62 -7.84
N VAL A 134 0.24 4.82 -7.69
CA VAL A 134 -0.24 5.99 -6.93
C VAL A 134 0.07 5.76 -5.46
N SER A 135 -0.09 4.55 -4.94
CA SER A 135 0.31 4.26 -3.57
C SER A 135 1.79 4.52 -3.35
N LYS A 136 2.63 4.03 -4.28
CA LYS A 136 4.07 4.27 -4.19
C LYS A 136 4.38 5.73 -4.19
N LEU A 137 3.78 6.48 -5.09
CA LEU A 137 3.99 7.92 -5.11
C LEU A 137 3.51 8.61 -3.86
N PHE A 138 2.39 8.14 -3.30
CA PHE A 138 1.99 8.76 -2.03
C PHE A 138 2.99 8.54 -0.92
N ASN A 139 3.60 7.36 -0.86
CA ASN A 139 4.60 7.10 0.17
C ASN A 139 5.90 7.86 -0.02
N LEU A 140 6.23 8.06 -1.31
CA LEU A 140 7.45 8.77 -1.63
C LEU A 140 7.32 10.28 -1.45
N VAL A 141 6.22 10.87 -1.91
CA VAL A 141 6.01 12.31 -1.88
C VAL A 141 5.40 12.78 -0.57
N GLN A 142 4.66 11.93 0.12
CA GLN A 142 3.86 12.20 1.32
C GLN A 142 3.07 13.49 1.21
N PRO A 143 2.21 13.57 0.19
CA PRO A 143 1.43 14.80 0.01
C PRO A 143 0.33 14.94 1.05
N ASP A 144 -0.09 16.17 1.32
CA ASP A 144 -1.29 16.42 2.09
C ASP A 144 -2.54 16.32 1.24
N ILE A 145 -2.36 16.69 -0.02
CA ILE A 145 -3.45 16.71 -0.98
C ILE A 145 -2.96 16.18 -2.33
N ALA A 146 -3.87 15.54 -3.07
CA ALA A 146 -3.53 15.09 -4.41
C ALA A 146 -4.69 15.34 -5.34
N CYS A 147 -4.42 15.79 -6.56
CA CYS A 147 -5.45 16.25 -7.48
C CYS A 147 -5.59 15.30 -8.67
N PHE A 148 -6.86 15.00 -8.97
CA PHE A 148 -7.21 14.11 -10.06
C PHE A 148 -8.38 14.70 -10.84
N GLY A 149 -8.46 14.43 -12.13
CA GLY A 149 -9.56 14.98 -12.89
C GLY A 149 -10.81 14.12 -12.83
N GLU A 150 -11.97 14.76 -12.82
CA GLU A 150 -13.24 14.04 -12.82
C GLU A 150 -13.53 13.39 -14.16
N LYS A 151 -12.87 13.79 -15.24
CA LYS A 151 -13.14 13.11 -16.51
C LYS A 151 -12.83 11.63 -16.45
N ASP A 152 -11.71 11.30 -15.81
CA ASP A 152 -11.34 9.91 -15.58
C ASP A 152 -11.95 9.47 -14.25
N PHE A 153 -13.27 9.34 -14.36
CA PHE A 153 -14.10 9.08 -13.19
C PHE A 153 -13.76 7.75 -12.54
N GLN A 154 -13.41 6.72 -13.32
CA GLN A 154 -13.12 5.42 -12.75
C GLN A 154 -11.84 5.45 -11.92
N GLN A 155 -10.79 6.06 -12.42
CA GLN A 155 -9.57 6.22 -11.65
C GLN A 155 -9.83 7.00 -10.36
N LEU A 156 -10.63 8.07 -10.47
CA LEU A 156 -10.92 8.86 -9.27
C LEU A 156 -11.62 8.03 -8.20
N ALA A 157 -12.66 7.29 -8.62
CA ALA A 157 -13.32 6.41 -7.66
C ALA A 157 -12.38 5.36 -7.08
N LEU A 158 -11.52 4.79 -7.93
CA LEU A 158 -10.53 3.80 -7.51
C LEU A 158 -9.59 4.35 -6.44
N ILE A 159 -9.08 5.56 -6.72
CA ILE A 159 -8.13 6.15 -5.75
C ILE A 159 -8.80 6.59 -4.47
N ARG A 160 -9.99 7.15 -4.58
CA ARG A 160 -10.76 7.46 -3.38
C ARG A 160 -10.94 6.26 -2.46
N LYS A 161 -11.35 5.13 -3.02
CA LYS A 161 -11.52 3.90 -2.27
C LYS A 161 -10.19 3.40 -1.71
N MET A 162 -9.13 3.44 -2.54
CA MET A 162 -7.82 3.01 -2.03
C MET A 162 -7.37 3.82 -0.85
N VAL A 163 -7.58 5.14 -0.94
CA VAL A 163 -7.16 5.97 0.18
C VAL A 163 -7.94 5.70 1.44
N ALA A 164 -9.25 5.59 1.30
CA ALA A 164 -10.09 5.31 2.47
C ALA A 164 -9.68 3.99 3.13
N ASP A 165 -9.56 2.95 2.31
CA ASP A 165 -9.21 1.62 2.78
C ASP A 165 -7.82 1.53 3.38
N MET A 166 -6.82 2.12 2.70
CA MET A 166 -5.46 1.93 3.16
C MET A 166 -5.01 2.94 4.21
N GLY A 167 -5.87 3.86 4.63
CA GLY A 167 -5.55 4.71 5.75
C GLY A 167 -4.63 5.88 5.45
N PHE A 168 -4.47 6.25 4.18
CA PHE A 168 -3.66 7.42 3.85
C PHE A 168 -4.30 8.71 4.34
N ASP A 169 -3.58 9.57 5.03
CA ASP A 169 -4.14 10.84 5.48
C ASP A 169 -3.93 11.90 4.39
N ILE A 170 -4.61 11.68 3.27
CA ILE A 170 -4.47 12.56 2.11
C ILE A 170 -5.82 12.99 1.61
N GLU A 171 -6.01 14.28 1.40
CA GLU A 171 -7.23 14.78 0.80
C GLU A 171 -7.18 14.56 -0.71
N ILE A 172 -8.12 13.83 -1.29
CA ILE A 172 -8.18 13.65 -2.73
C ILE A 172 -9.13 14.68 -3.32
N VAL A 173 -8.61 15.54 -4.18
CA VAL A 173 -9.36 16.62 -4.81
C VAL A 173 -9.75 16.18 -6.21
N GLY A 174 -11.05 16.00 -6.45
CA GLY A 174 -11.53 15.66 -7.78
C GLY A 174 -11.78 16.95 -8.53
N VAL A 175 -11.10 17.23 -9.63
CA VAL A 175 -11.23 18.56 -10.25
C VAL A 175 -12.26 18.50 -11.36
N PRO A 176 -13.31 19.30 -11.38
CA PRO A 176 -14.33 19.16 -12.42
C PRO A 176 -13.79 19.51 -13.82
N ILE A 177 -14.44 18.92 -14.81
CA ILE A 177 -14.26 19.17 -16.23
C ILE A 177 -14.34 20.65 -16.53
N MET A 178 -13.38 21.18 -17.28
CA MET A 178 -13.44 22.57 -17.69
C MET A 178 -14.43 22.75 -18.83
N ARG A 179 -15.17 23.87 -18.85
CA ARG A 179 -16.20 24.02 -19.87
C ARG A 179 -16.11 25.38 -20.53
N ALA A 180 -16.55 25.49 -21.75
CA ALA A 180 -16.76 26.78 -22.39
C ALA A 180 -17.92 27.52 -21.72
N LYS A 181 -18.11 28.78 -22.07
CA LYS A 181 -19.09 29.60 -21.38
C LYS A 181 -20.52 29.14 -21.64
N ASP A 182 -20.64 28.43 -22.75
CA ASP A 182 -21.93 27.84 -23.10
C ASP A 182 -22.14 26.45 -22.54
N GLY A 183 -21.23 25.88 -21.76
CA GLY A 183 -21.42 24.61 -21.10
C GLY A 183 -20.70 23.45 -21.74
N LEU A 184 -20.28 23.59 -23.00
CA LEU A 184 -19.60 22.51 -23.68
C LEU A 184 -18.27 22.15 -23.05
N ALA A 185 -18.04 20.86 -22.82
CA ALA A 185 -16.77 20.42 -22.25
C ALA A 185 -15.60 20.76 -23.18
N LEU A 186 -14.59 21.44 -22.65
CA LEU A 186 -13.46 21.74 -23.50
C LEU A 186 -12.72 20.45 -23.86
N SER A 187 -12.38 20.35 -25.13
CA SER A 187 -11.77 19.15 -25.65
C SER A 187 -11.14 19.34 -27.02
N SER A 188 -10.05 18.62 -27.32
CA SER A 188 -9.48 18.65 -28.67
C SER A 188 -10.49 18.27 -29.76
N ARG A 189 -11.48 17.47 -29.45
CA ARG A 189 -12.54 16.88 -30.25
C ARG A 189 -13.47 17.96 -30.80
N ASN A 190 -13.59 19.05 -30.02
CA ASN A 190 -14.38 20.19 -30.51
C ASN A 190 -13.84 20.77 -31.79
N GLY A 191 -12.56 20.54 -32.04
CA GLY A 191 -11.89 20.97 -33.24
C GLY A 191 -12.40 20.40 -34.54
N TYR A 192 -13.09 19.28 -34.50
CA TYR A 192 -13.66 18.56 -35.63
C TYR A 192 -15.11 18.93 -35.93
N LEU A 193 -15.70 19.84 -35.16
CA LEU A 193 -17.07 20.27 -35.38
C LEU A 193 -17.12 21.43 -36.34
N THR A 194 -18.05 21.45 -37.29
CA THR A 194 -18.17 22.67 -38.09
C THR A 194 -18.74 23.79 -37.23
N ALA A 195 -18.83 25.04 -37.69
CA ALA A 195 -19.37 26.08 -36.83
C ALA A 195 -20.83 25.83 -36.49
N GLU A 196 -21.61 25.29 -37.44
CA GLU A 196 -23.01 25.02 -37.09
C GLU A 196 -23.14 23.90 -36.09
N GLN A 197 -22.26 22.92 -36.14
CA GLN A 197 -22.24 21.81 -35.19
C GLN A 197 -21.80 22.36 -33.84
N ARG A 198 -20.84 23.29 -33.87
CA ARG A 198 -20.38 23.85 -32.59
C ARG A 198 -21.54 24.54 -31.89
N LYS A 199 -22.47 25.13 -32.65
CA LYS A 199 -23.65 25.75 -32.04
C LYS A 199 -24.64 24.78 -31.44
N ILE A 200 -24.73 23.57 -31.99
CA ILE A 200 -25.60 22.54 -31.45
C ILE A 200 -25.00 21.84 -30.24
N ALA A 201 -23.67 21.75 -30.22
CA ALA A 201 -22.93 20.95 -29.25
C ALA A 201 -23.24 21.20 -27.79
N PRO A 202 -23.53 22.40 -27.29
CA PRO A 202 -23.89 22.58 -25.87
C PRO A 202 -25.13 21.82 -25.45
N GLY A 203 -25.89 21.26 -26.40
CA GLY A 203 -27.07 20.47 -26.06
C GLY A 203 -26.74 19.22 -25.31
N LEU A 204 -25.52 18.73 -25.50
CA LEU A 204 -25.12 17.50 -24.78
C LEU A 204 -25.12 17.76 -23.29
N TYR A 205 -24.47 18.86 -22.87
CA TYR A 205 -24.47 19.17 -21.45
C TYR A 205 -25.88 19.46 -20.92
N LYS A 206 -26.69 20.03 -21.81
CA LYS A 206 -28.06 20.31 -21.33
C LYS A 206 -28.77 19.01 -21.02
N VAL A 207 -28.62 18.05 -21.93
CA VAL A 207 -29.26 16.76 -21.64
C VAL A 207 -28.66 16.12 -20.40
N LEU A 208 -27.32 16.09 -20.30
CA LEU A 208 -26.69 15.58 -19.09
C LEU A 208 -27.19 16.21 -17.82
N SER A 209 -27.37 17.53 -17.81
CA SER A 209 -27.85 18.26 -16.65
C SER A 209 -29.32 17.93 -16.38
N SER A 210 -30.07 17.66 -17.46
CA SER A 210 -31.47 17.27 -17.32
C SER A 210 -31.56 15.92 -16.60
N ILE A 211 -30.72 14.98 -17.03
CA ILE A 211 -30.68 13.69 -16.34
C ILE A 211 -30.39 13.92 -14.87
N ALA A 212 -29.44 14.78 -14.55
CA ALA A 212 -29.05 14.94 -13.15
C ALA A 212 -30.20 15.51 -12.33
N ASP A 213 -30.91 16.44 -12.96
CA ASP A 213 -32.03 17.08 -12.28
C ASP A 213 -33.08 16.04 -11.86
N LYS A 214 -33.45 15.16 -12.77
CA LYS A 214 -34.38 14.05 -12.56
C LYS A 214 -33.90 13.16 -11.43
N LEU A 215 -32.60 12.81 -11.50
CA LEU A 215 -32.05 11.92 -10.46
C LEU A 215 -32.09 12.63 -9.12
N GLN A 216 -31.71 13.90 -9.14
CA GLN A 216 -31.74 14.65 -7.88
C GLN A 216 -33.17 14.79 -7.35
N ALA A 217 -34.16 14.60 -8.21
CA ALA A 217 -35.55 14.77 -7.84
C ALA A 217 -36.27 13.45 -7.52
N GLY A 218 -35.54 12.36 -7.43
CA GLY A 218 -35.95 11.05 -7.04
C GLY A 218 -36.34 10.11 -8.15
N GLU A 219 -36.32 10.57 -9.41
CA GLU A 219 -36.63 9.60 -10.45
C GLU A 219 -35.67 8.40 -10.47
N ARG A 220 -36.21 7.18 -10.50
CA ARG A 220 -35.35 6.00 -10.51
C ARG A 220 -35.65 5.05 -11.66
N ASP A 221 -36.50 5.46 -12.57
CA ASP A 221 -36.72 4.71 -13.81
C ASP A 221 -35.64 5.14 -14.81
N LEU A 222 -34.44 4.63 -14.62
CA LEU A 222 -33.24 4.93 -15.38
C LEU A 222 -33.43 4.60 -16.85
N ASP A 223 -34.11 3.47 -17.10
CA ASP A 223 -34.28 3.08 -18.50
C ASP A 223 -35.05 4.13 -19.29
N GLU A 224 -36.09 4.69 -18.70
CA GLU A 224 -36.90 5.71 -19.36
C GLU A 224 -36.15 7.05 -19.47
N ILE A 225 -35.47 7.38 -18.39
CA ILE A 225 -34.63 8.58 -18.30
C ILE A 225 -33.61 8.57 -19.43
N ILE A 226 -33.03 7.39 -19.62
CA ILE A 226 -32.04 7.24 -20.68
C ILE A 226 -32.66 7.20 -22.06
N THR A 227 -33.84 6.57 -22.15
CA THR A 227 -34.50 6.59 -23.45
C THR A 227 -34.85 8.01 -23.86
N ILE A 228 -35.40 8.77 -22.92
CA ILE A 228 -35.78 10.13 -23.31
C ILE A 228 -34.58 10.99 -23.66
N ALA A 229 -33.50 10.78 -22.90
CA ALA A 229 -32.26 11.52 -23.12
C ALA A 229 -31.72 11.28 -24.52
N GLY A 230 -31.68 10.05 -24.98
CA GLY A 230 -31.30 9.73 -26.35
C GLY A 230 -32.16 10.38 -27.41
N GLN A 231 -33.49 10.31 -27.22
CA GLN A 231 -34.44 10.94 -28.14
C GLN A 231 -34.19 12.43 -28.26
N GLU A 232 -34.02 13.04 -27.07
CA GLU A 232 -33.71 14.47 -27.07
C GLU A 232 -32.42 14.80 -27.82
N LEU A 233 -31.37 14.01 -27.59
CA LEU A 233 -30.10 14.24 -28.28
C LEU A 233 -30.31 14.10 -29.77
N ASN A 234 -30.99 13.00 -30.12
CA ASN A 234 -31.22 12.78 -31.54
C ASN A 234 -32.06 13.86 -32.19
N GLU A 235 -33.06 14.35 -31.50
CA GLU A 235 -33.86 15.43 -32.12
C GLU A 235 -33.04 16.70 -32.21
N LYS A 236 -32.06 16.89 -31.33
CA LYS A 236 -31.18 18.06 -31.43
C LYS A 236 -30.22 17.95 -32.62
N GLY A 237 -29.92 16.78 -33.16
CA GLY A 237 -28.96 16.75 -34.27
C GLY A 237 -27.79 15.84 -33.97
N PHE A 238 -27.72 15.33 -32.74
CA PHE A 238 -26.74 14.35 -32.35
C PHE A 238 -27.17 12.97 -32.85
N ARG A 239 -26.27 12.02 -32.72
CA ARG A 239 -26.51 10.60 -32.83
C ARG A 239 -26.00 10.00 -31.52
N ALA A 240 -26.96 9.80 -30.64
CA ALA A 240 -26.63 9.30 -29.30
C ALA A 240 -25.84 8.02 -29.48
N ASP A 241 -24.85 7.82 -28.61
CA ASP A 241 -23.97 6.68 -28.81
C ASP A 241 -23.90 5.85 -27.53
N ASP A 242 -23.85 6.51 -26.38
CA ASP A 242 -23.84 5.72 -25.14
C ASP A 242 -24.19 6.61 -23.96
N ILE A 243 -25.13 6.12 -23.16
CA ILE A 243 -25.57 6.83 -21.98
C ILE A 243 -25.68 5.83 -20.83
N GLN A 244 -25.09 6.16 -19.72
CA GLN A 244 -24.97 5.25 -18.59
C GLN A 244 -25.09 6.05 -17.30
N ILE A 245 -25.71 5.45 -16.32
CA ILE A 245 -25.86 6.03 -15.00
C ILE A 245 -25.39 5.04 -13.94
N ARG A 246 -24.49 5.41 -13.05
CA ARG A 246 -23.96 4.46 -12.07
C ARG A 246 -23.80 5.08 -10.69
N ASP A 247 -23.62 4.21 -9.69
CA ASP A 247 -23.21 4.67 -8.39
C ASP A 247 -21.80 5.30 -8.49
N ALA A 248 -21.62 6.48 -7.95
CA ALA A 248 -20.37 7.22 -8.14
C ALA A 248 -19.22 6.70 -7.30
N ASP A 249 -19.52 5.96 -6.23
CA ASP A 249 -18.50 5.56 -5.28
C ASP A 249 -18.00 4.14 -5.52
N THR A 250 -18.95 3.32 -5.98
CA THR A 250 -18.73 1.91 -6.21
C THR A 250 -18.80 1.52 -7.69
N LEU A 251 -19.34 2.36 -8.57
CA LEU A 251 -19.41 2.21 -10.02
C LEU A 251 -20.37 1.12 -10.49
N LEU A 252 -21.13 0.62 -9.55
CA LEU A 252 -22.17 -0.37 -9.68
C LEU A 252 -23.49 0.29 -10.08
N GLU A 253 -24.48 -0.56 -10.36
CA GLU A 253 -25.80 0.01 -10.60
C GLU A 253 -26.25 0.81 -9.39
N VAL A 254 -26.93 1.92 -9.68
CA VAL A 254 -27.48 2.74 -8.62
C VAL A 254 -28.45 1.91 -7.79
N SER A 255 -28.38 1.92 -6.46
CA SER A 255 -29.38 1.14 -5.72
C SER A 255 -29.88 1.97 -4.55
N GLU A 256 -30.61 1.36 -3.61
CA GLU A 256 -31.22 2.16 -2.54
C GLU A 256 -30.19 2.76 -1.59
N THR A 257 -28.98 2.25 -1.71
CA THR A 257 -27.86 2.66 -0.89
C THR A 257 -27.02 3.73 -1.57
N SER A 258 -27.16 3.86 -2.89
CA SER A 258 -26.36 4.88 -3.56
C SER A 258 -26.66 6.26 -3.02
N LYS A 259 -25.63 7.05 -2.79
CA LYS A 259 -25.72 8.44 -2.32
C LYS A 259 -25.24 9.45 -3.34
N ARG A 260 -24.48 8.98 -4.33
CA ARG A 260 -24.07 9.88 -5.41
C ARG A 260 -24.12 9.06 -6.71
N ALA A 261 -24.52 9.70 -7.80
CA ALA A 261 -24.51 8.98 -9.07
C ALA A 261 -23.58 9.69 -10.05
N VAL A 262 -23.05 8.90 -10.98
CA VAL A 262 -22.22 9.49 -12.05
C VAL A 262 -22.98 9.20 -13.35
N ILE A 263 -23.11 10.21 -14.17
CA ILE A 263 -23.76 10.06 -15.49
C ILE A 263 -22.71 10.27 -16.58
N LEU A 264 -22.64 9.36 -17.52
CA LEU A 264 -21.71 9.36 -18.64
C LEU A 264 -22.52 9.40 -19.94
N VAL A 265 -22.21 10.31 -20.83
CA VAL A 265 -22.88 10.45 -22.12
C VAL A 265 -21.82 10.54 -23.22
N ALA A 266 -22.02 9.92 -24.36
CA ALA A 266 -21.26 10.05 -25.59
C ALA A 266 -22.27 10.23 -26.72
N ALA A 267 -21.98 11.16 -27.62
CA ALA A 267 -22.91 11.35 -28.74
C ALA A 267 -22.10 11.90 -29.91
N TRP A 268 -22.37 11.36 -31.08
CA TRP A 268 -21.76 11.84 -32.28
C TRP A 268 -22.49 13.10 -32.75
N LEU A 269 -21.69 14.02 -33.23
CA LEU A 269 -22.03 15.25 -33.93
C LEU A 269 -20.96 15.46 -35.02
N GLY A 270 -21.36 15.24 -36.27
CA GLY A 270 -20.40 15.36 -37.36
C GLY A 270 -19.36 14.27 -37.22
N ASP A 271 -18.09 14.63 -37.33
CA ASP A 271 -17.05 13.62 -37.17
C ASP A 271 -16.50 13.61 -35.74
N ALA A 272 -17.19 14.30 -34.85
CA ALA A 272 -16.81 14.31 -33.45
C ALA A 272 -17.66 13.34 -32.62
N ARG A 273 -17.02 12.54 -31.80
CA ARG A 273 -17.69 11.77 -30.79
C ARG A 273 -17.48 12.47 -29.44
N LEU A 274 -18.44 13.34 -29.08
CA LEU A 274 -18.33 14.15 -27.87
C LEU A 274 -18.67 13.35 -26.65
N ILE A 275 -17.98 13.63 -25.57
CA ILE A 275 -18.08 12.86 -24.35
C ILE A 275 -18.22 13.81 -23.19
N ASP A 276 -18.99 13.44 -22.19
CA ASP A 276 -19.14 14.25 -20.97
C ASP A 276 -19.60 13.38 -19.80
N ASN A 277 -19.37 13.88 -18.58
CA ASN A 277 -19.86 13.21 -17.40
C ASN A 277 -20.16 14.26 -16.32
N LYS A 278 -20.97 13.79 -15.37
CA LYS A 278 -21.35 14.64 -14.26
C LYS A 278 -21.69 13.79 -13.04
N MET A 279 -21.26 14.23 -11.87
CA MET A 279 -21.69 13.51 -10.67
C MET A 279 -22.80 14.28 -9.99
N VAL A 280 -23.79 13.56 -9.45
CA VAL A 280 -24.91 14.21 -8.80
C VAL A 280 -25.10 13.60 -7.40
N GLU A 281 -25.30 14.48 -6.44
CA GLU A 281 -25.57 14.03 -5.07
C GLU A 281 -27.05 13.60 -5.00
N LEU A 282 -27.23 12.47 -4.33
CA LEU A 282 -28.51 11.81 -4.22
C LEU A 282 -29.14 12.08 -2.86
N MET B 1 -0.20 6.08 29.90
CA MET B 1 -0.27 5.40 28.61
C MET B 1 -1.64 5.55 27.97
N LEU B 2 -1.66 6.03 26.74
CA LEU B 2 -2.93 6.22 26.08
C LEU B 2 -3.36 4.97 25.31
N ILE B 3 -4.66 4.73 25.35
CA ILE B 3 -5.30 3.62 24.66
C ILE B 3 -6.35 4.17 23.71
N ILE B 4 -6.10 4.04 22.43
CA ILE B 4 -6.82 4.62 21.32
C ILE B 4 -7.49 3.53 20.53
N GLU B 5 -8.76 3.73 20.19
CA GLU B 5 -9.55 2.70 19.52
C GLU B 5 -10.09 3.15 18.19
N THR B 6 -10.04 4.46 17.89
CA THR B 6 -10.60 4.80 16.60
C THR B 6 -9.56 5.50 15.71
N LEU B 7 -9.83 5.53 14.42
CA LEU B 7 -8.92 6.19 13.48
C LEU B 7 -8.85 7.70 13.69
N PRO B 8 -9.96 8.42 13.82
CA PRO B 8 -9.82 9.88 13.99
C PRO B 8 -8.98 10.27 15.20
N LEU B 9 -9.11 9.60 16.32
CA LEU B 9 -8.43 9.82 17.56
C LEU B 9 -6.97 9.42 17.48
N LEU B 10 -6.66 8.37 16.74
CA LEU B 10 -5.27 8.01 16.49
C LEU B 10 -4.60 9.11 15.67
N ARG B 11 -5.25 9.50 14.59
CA ARG B 11 -4.73 10.56 13.73
C ARG B 11 -4.43 11.81 14.54
N GLN B 12 -5.25 12.07 15.55
CA GLN B 12 -5.03 13.27 16.35
C GLN B 12 -3.72 13.17 17.10
N GLN B 13 -3.46 11.96 17.59
CA GLN B 13 -2.26 11.71 18.39
C GLN B 13 -1.02 11.75 17.48
N ILE B 14 -1.17 11.26 16.27
CA ILE B 14 -0.01 11.24 15.37
C ILE B 14 0.37 12.66 14.95
N ARG B 15 -0.64 13.49 14.72
CA ARG B 15 -0.42 14.92 14.49
C ARG B 15 0.26 15.55 15.68
N ARG B 16 -0.13 15.24 16.91
CA ARG B 16 0.50 15.83 18.07
C ARG B 16 1.99 15.45 18.12
N LEU B 17 2.31 14.19 17.85
CA LEU B 17 3.70 13.76 17.97
C LEU B 17 4.59 14.40 16.92
N ARG B 18 4.00 14.61 15.75
CA ARG B 18 4.68 15.36 14.70
C ARG B 18 4.97 16.79 15.14
N MET B 19 3.98 17.44 15.73
CA MET B 19 4.20 18.80 16.19
C MET B 19 5.26 18.85 17.27
N GLU B 20 5.36 17.81 18.09
CA GLU B 20 6.31 17.79 19.20
C GLU B 20 7.72 17.42 18.70
N GLY B 21 7.82 16.91 17.49
CA GLY B 21 9.08 16.54 16.85
C GLY B 21 9.64 15.26 17.41
N LYS B 22 8.75 14.33 17.71
CA LYS B 22 9.16 13.08 18.36
C LYS B 22 9.35 11.99 17.32
N ARG B 23 10.36 11.16 17.43
CA ARG B 23 10.46 10.04 16.49
C ARG B 23 9.72 8.86 17.10
N VAL B 24 9.00 8.20 16.23
CA VAL B 24 8.02 7.19 16.62
C VAL B 24 8.43 5.82 16.11
N ALA B 25 8.43 4.86 17.03
CA ALA B 25 8.56 3.45 16.71
C ALA B 25 7.24 2.72 16.89
N LEU B 26 6.89 1.90 15.91
CA LEU B 26 5.70 1.09 15.92
C LEU B 26 6.07 -0.39 16.10
N VAL B 27 5.35 -1.05 17.01
CA VAL B 27 5.42 -2.51 17.21
C VAL B 27 4.05 -3.10 16.92
N PRO B 28 3.83 -3.65 15.74
CA PRO B 28 2.57 -4.30 15.41
C PRO B 28 2.43 -5.68 16.04
N THR B 29 1.25 -5.96 16.61
CA THR B 29 1.00 -7.24 17.30
C THR B 29 -0.45 -7.65 17.11
N MET B 30 -0.71 -8.93 17.42
CA MET B 30 -2.09 -9.39 17.45
C MET B 30 -2.56 -9.73 18.87
N GLY B 31 -1.94 -9.14 19.85
CA GLY B 31 -2.13 -9.18 21.27
C GLY B 31 -1.63 -10.47 21.89
N ASN B 32 -2.18 -10.79 23.07
CA ASN B 32 -1.83 -12.03 23.76
C ASN B 32 -0.32 -12.04 23.92
N LEU B 33 0.13 -10.90 24.43
CA LEU B 33 1.52 -10.59 24.65
C LEU B 33 2.15 -11.39 25.79
N HIS B 34 3.43 -11.67 25.60
CA HIS B 34 4.36 -12.43 26.41
C HIS B 34 5.70 -11.68 26.38
N ASP B 35 6.72 -12.21 27.02
CA ASP B 35 8.02 -11.59 27.22
C ASP B 35 8.76 -11.24 25.94
N GLY B 36 8.65 -12.06 24.92
CA GLY B 36 9.26 -11.81 23.62
C GLY B 36 8.64 -10.57 22.98
N HIS B 37 7.35 -10.33 23.22
CA HIS B 37 6.79 -9.06 22.74
C HIS B 37 7.35 -7.88 23.52
N MET B 38 7.59 -8.08 24.82
CA MET B 38 8.21 -7.04 25.64
C MET B 38 9.60 -6.72 25.13
N LYS B 39 10.31 -7.66 24.54
CA LYS B 39 11.64 -7.42 23.99
C LYS B 39 11.60 -6.54 22.73
N LEU B 40 10.56 -6.74 21.94
CA LEU B 40 10.31 -5.82 20.82
C LEU B 40 10.11 -4.39 21.29
N VAL B 41 9.33 -4.25 22.37
CA VAL B 41 9.04 -2.94 22.92
C VAL B 41 10.28 -2.26 23.43
N ASP B 42 11.12 -3.00 24.16
CA ASP B 42 12.36 -2.47 24.66
C ASP B 42 13.29 -2.02 23.54
N GLU B 43 13.29 -2.75 22.42
CA GLU B 43 14.13 -2.36 21.28
C GLU B 43 13.59 -1.06 20.64
N ALA B 44 12.27 -0.93 20.61
CA ALA B 44 11.62 0.28 20.07
C ALA B 44 11.95 1.48 20.93
N LYS B 45 11.79 1.32 22.24
CA LYS B 45 12.13 2.34 23.20
C LYS B 45 13.58 2.79 23.11
N ALA B 46 14.48 1.88 22.74
CA ALA B 46 15.86 2.33 22.67
C ALA B 46 16.20 3.06 21.38
N ARG B 47 15.32 2.97 20.38
CA ARG B 47 15.63 3.56 19.09
C ARG B 47 14.81 4.79 18.74
N ALA B 48 13.83 5.11 19.57
CA ALA B 48 12.90 6.22 19.24
C ALA B 48 12.40 6.90 20.50
N ASP B 49 11.84 8.09 20.36
CA ASP B 49 11.34 8.85 21.50
C ASP B 49 10.09 8.25 22.09
N VAL B 50 9.23 7.80 21.21
CA VAL B 50 7.90 7.33 21.51
C VAL B 50 7.63 5.98 20.88
N VAL B 51 7.01 5.11 21.66
CA VAL B 51 6.62 3.77 21.22
C VAL B 51 5.11 3.63 21.14
N VAL B 52 4.64 3.21 19.99
CA VAL B 52 3.26 2.86 19.67
C VAL B 52 3.17 1.35 19.47
N VAL B 53 2.29 0.70 20.23
CA VAL B 53 2.04 -0.72 20.04
C VAL B 53 0.63 -0.93 19.51
N SER B 54 0.49 -1.67 18.39
CA SER B 54 -0.85 -1.94 17.91
C SER B 54 -1.20 -3.37 18.32
N ILE B 55 -2.45 -3.52 18.71
CA ILE B 55 -3.05 -4.80 19.09
C ILE B 55 -4.32 -4.97 18.28
N PHE B 56 -4.22 -5.92 17.34
CA PHE B 56 -5.32 -6.10 16.43
C PHE B 56 -5.28 -7.51 15.84
N VAL B 57 -6.32 -8.27 16.13
CA VAL B 57 -6.42 -9.63 15.59
C VAL B 57 -7.07 -9.48 14.22
N ASN B 58 -6.19 -9.52 13.22
CA ASN B 58 -6.53 -9.23 11.85
C ASN B 58 -7.21 -10.39 11.13
N PRO B 59 -8.52 -10.29 10.87
CA PRO B 59 -9.22 -11.41 10.25
C PRO B 59 -8.60 -11.76 8.89
N MET B 60 -8.00 -10.81 8.19
CA MET B 60 -7.55 -11.11 6.84
C MET B 60 -6.41 -12.11 6.78
N GLN B 61 -5.78 -12.38 7.91
CA GLN B 61 -4.65 -13.31 7.87
C GLN B 61 -4.99 -14.59 8.63
N PHE B 62 -6.29 -14.89 8.73
CA PHE B 62 -6.82 -16.11 9.33
C PHE B 62 -7.45 -17.04 8.29
N ASP B 63 -7.14 -18.32 8.33
CA ASP B 63 -7.56 -19.31 7.34
C ASP B 63 -9.06 -19.56 7.42
N ARG B 64 -9.53 -19.84 8.63
CA ARG B 64 -10.96 -20.07 8.84
C ARG B 64 -11.47 -19.24 10.01
N PRO B 65 -12.75 -18.92 9.96
CA PRO B 65 -13.45 -18.23 11.04
C PRO B 65 -13.19 -18.87 12.41
N GLU B 66 -13.17 -20.20 12.40
CA GLU B 66 -12.90 -20.95 13.61
C GLU B 66 -11.62 -20.42 14.26
N ASP B 67 -10.54 -20.45 13.48
CA ASP B 67 -9.25 -20.04 14.04
C ASP B 67 -9.25 -18.59 14.52
N LEU B 68 -10.11 -17.76 13.95
CA LEU B 68 -10.12 -16.34 14.33
C LEU B 68 -10.81 -16.20 15.68
N ALA B 69 -12.04 -16.68 15.71
CA ALA B 69 -12.87 -16.71 16.89
C ALA B 69 -12.12 -17.27 18.09
N ARG B 70 -11.34 -18.32 17.85
CA ARG B 70 -10.67 -19.01 18.94
C ARG B 70 -9.35 -18.38 19.34
N TYR B 71 -8.88 -17.41 18.55
CA TYR B 71 -7.63 -16.75 18.92
C TYR B 71 -7.81 -16.00 20.24
N PRO B 72 -6.83 -16.14 21.12
CA PRO B 72 -6.93 -15.56 22.46
C PRO B 72 -6.88 -14.03 22.41
N ARG B 73 -7.88 -13.45 23.05
CA ARG B 73 -8.00 -12.00 23.16
C ARG B 73 -7.94 -11.61 24.63
N THR B 74 -6.91 -10.85 24.98
CA THR B 74 -6.53 -10.56 26.35
C THR B 74 -6.05 -9.12 26.51
N LEU B 75 -6.89 -8.20 26.06
CA LEU B 75 -6.52 -6.79 25.97
C LEU B 75 -6.08 -6.22 27.31
N GLN B 76 -6.86 -6.51 28.37
CA GLN B 76 -6.55 -5.92 29.65
C GLN B 76 -5.16 -6.32 30.14
N GLU B 77 -4.88 -7.62 30.03
CA GLU B 77 -3.57 -8.10 30.51
C GLU B 77 -2.45 -7.63 29.61
N ASP B 78 -2.75 -7.51 28.32
CA ASP B 78 -1.75 -6.96 27.39
C ASP B 78 -1.37 -5.55 27.85
N CYS B 79 -2.42 -4.76 28.07
CA CYS B 79 -2.26 -3.35 28.45
C CYS B 79 -1.55 -3.17 29.76
N GLU B 80 -1.76 -4.08 30.72
CA GLU B 80 -1.01 -3.94 31.98
C GLU B 80 0.47 -4.19 31.74
N LYS B 81 0.79 -5.07 30.78
CA LYS B 81 2.20 -5.31 30.51
C LYS B 81 2.90 -4.14 29.82
N LEU B 82 2.20 -3.56 28.85
CA LEU B 82 2.80 -2.44 28.11
C LEU B 82 2.97 -1.21 28.99
N ASN B 83 2.04 -0.99 29.93
CA ASN B 83 2.16 0.12 30.87
C ASN B 83 3.40 -0.01 31.73
N LYS B 84 3.69 -1.21 32.21
CA LYS B 84 4.90 -1.41 32.98
C LYS B 84 6.14 -1.18 32.13
N ARG B 85 6.01 -1.31 30.82
CA ARG B 85 7.18 -1.13 29.96
C ARG B 85 7.33 0.33 29.53
N LYS B 86 6.42 1.18 29.98
CA LYS B 86 6.41 2.60 29.70
C LYS B 86 6.16 2.91 28.23
N VAL B 87 5.28 2.14 27.60
CA VAL B 87 4.78 2.38 26.26
C VAL B 87 3.87 3.60 26.24
N ASP B 88 4.02 4.44 25.24
CA ASP B 88 3.30 5.71 25.21
C ASP B 88 1.88 5.58 24.71
N LEU B 89 1.67 4.71 23.72
CA LEU B 89 0.35 4.66 23.12
C LEU B 89 0.01 3.27 22.64
N VAL B 90 -1.18 2.77 22.92
CA VAL B 90 -1.65 1.47 22.42
C VAL B 90 -2.80 1.73 21.48
N PHE B 91 -2.72 1.22 20.25
CA PHE B 91 -3.78 1.31 19.29
C PHE B 91 -4.53 -0.03 19.24
N ALA B 92 -5.78 -0.06 19.67
CA ALA B 92 -6.55 -1.32 19.71
C ALA B 92 -7.89 -1.15 19.06
N PRO B 93 -7.93 -1.12 17.74
CA PRO B 93 -9.20 -0.88 17.07
C PRO B 93 -10.05 -2.15 17.02
N SER B 94 -11.32 -1.94 16.79
CA SER B 94 -12.24 -3.05 16.53
C SER B 94 -12.16 -3.45 15.07
N VAL B 95 -12.71 -4.62 14.75
CA VAL B 95 -12.75 -5.04 13.37
C VAL B 95 -13.57 -4.13 12.50
N LYS B 96 -14.66 -3.58 13.03
CA LYS B 96 -15.47 -2.73 12.18
C LYS B 96 -14.78 -1.38 11.91
N GLU B 97 -13.90 -0.94 12.78
CA GLU B 97 -13.13 0.30 12.68
C GLU B 97 -12.12 0.14 11.54
N ILE B 98 -11.52 -1.03 11.45
CA ILE B 98 -10.54 -1.30 10.39
C ILE B 98 -11.21 -1.77 9.12
N TYR B 99 -12.22 -2.63 9.24
CA TYR B 99 -12.86 -3.23 8.08
C TYR B 99 -14.38 -3.06 8.09
N PRO B 100 -14.80 -1.80 8.03
CA PRO B 100 -16.21 -1.43 8.19
C PRO B 100 -17.08 -2.13 7.15
N ASN B 101 -16.48 -2.42 6.01
CA ASN B 101 -17.24 -3.11 4.95
C ASN B 101 -16.81 -4.55 4.78
N GLY B 102 -16.12 -5.13 5.76
CA GLY B 102 -15.57 -6.46 5.60
C GLY B 102 -14.20 -6.51 4.92
N THR B 103 -13.56 -7.66 4.89
CA THR B 103 -12.23 -7.80 4.29
C THR B 103 -12.26 -8.15 2.81
N GLU B 104 -13.35 -8.73 2.31
CA GLU B 104 -13.34 -9.26 0.96
C GLU B 104 -13.25 -8.21 -0.13
N THR B 105 -13.85 -7.05 0.13
CA THR B 105 -13.77 -5.99 -0.86
C THR B 105 -12.82 -4.86 -0.47
N HIS B 106 -12.05 -5.08 0.58
CA HIS B 106 -11.07 -4.12 1.05
C HIS B 106 -9.84 -4.16 0.15
N THR B 107 -9.31 -2.98 -0.13
CA THR B 107 -8.05 -2.85 -0.86
C THR B 107 -7.01 -3.74 -0.22
N TYR B 108 -6.18 -4.36 -1.06
CA TYR B 108 -5.14 -5.20 -0.47
C TYR B 108 -3.81 -4.95 -1.17
N VAL B 109 -2.76 -5.37 -0.52
CA VAL B 109 -1.36 -5.29 -0.81
C VAL B 109 -0.81 -6.72 -0.87
N ASP B 110 -0.20 -7.09 -1.99
CA ASP B 110 0.37 -8.41 -2.16
C ASP B 110 1.81 -8.33 -2.62
N VAL B 111 2.64 -9.15 -1.98
CA VAL B 111 4.05 -9.20 -2.27
C VAL B 111 4.34 -10.48 -3.06
N PRO B 112 4.58 -10.39 -4.35
CA PRO B 112 4.80 -11.62 -5.12
C PRO B 112 5.96 -12.46 -4.59
N GLY B 113 5.81 -13.79 -4.78
CA GLY B 113 6.91 -14.68 -4.45
C GLY B 113 6.88 -15.01 -2.96
N LEU B 114 7.26 -14.03 -2.14
CA LEU B 114 7.35 -14.29 -0.70
C LEU B 114 6.05 -14.75 -0.13
N SER B 115 4.95 -14.27 -0.70
CA SER B 115 3.67 -14.58 -0.07
C SER B 115 3.20 -16.00 -0.36
N THR B 116 3.82 -16.61 -1.37
CA THR B 116 3.24 -17.87 -1.82
C THR B 116 4.19 -19.05 -1.60
N MET B 117 5.41 -18.75 -1.18
CA MET B 117 6.35 -19.82 -0.91
C MET B 117 6.27 -20.29 0.54
N LEU B 118 6.85 -21.46 0.78
CA LEU B 118 6.98 -22.02 2.12
C LEU B 118 5.66 -22.06 2.84
N GLU B 119 5.55 -21.38 3.98
CA GLU B 119 4.29 -21.42 4.71
C GLU B 119 3.18 -20.82 3.85
N GLY B 120 3.56 -19.94 2.93
CA GLY B 120 2.57 -19.26 2.11
C GLY B 120 1.83 -20.20 1.18
N ALA B 121 2.55 -21.22 0.70
CA ALA B 121 2.03 -22.16 -0.27
C ALA B 121 0.81 -22.93 0.22
N SER B 122 0.75 -23.25 1.50
CA SER B 122 -0.40 -23.99 2.00
C SER B 122 -1.46 -23.09 2.62
N ARG B 123 -1.20 -21.78 2.69
CA ARG B 123 -2.08 -20.83 3.35
C ARG B 123 -2.38 -19.65 2.44
N PRO B 124 -3.14 -19.92 1.39
CA PRO B 124 -3.52 -18.86 0.46
C PRO B 124 -4.16 -17.71 1.20
N GLY B 125 -3.74 -16.50 0.83
CA GLY B 125 -4.31 -15.30 1.39
C GLY B 125 -3.69 -14.84 2.69
N HIS B 126 -2.96 -15.70 3.38
CA HIS B 126 -2.44 -15.37 4.69
C HIS B 126 -1.49 -14.19 4.68
N PHE B 127 -0.40 -14.28 3.92
CA PHE B 127 0.58 -13.20 3.90
C PHE B 127 0.00 -11.97 3.20
N ARG B 128 -0.97 -12.09 2.30
CA ARG B 128 -1.63 -10.90 1.78
C ARG B 128 -2.33 -10.16 2.92
N GLY B 129 -2.87 -10.89 3.88
CA GLY B 129 -3.52 -10.36 5.05
C GLY B 129 -2.52 -9.55 5.86
N VAL B 130 -1.32 -10.08 6.00
CA VAL B 130 -0.28 -9.40 6.75
C VAL B 130 0.23 -8.13 6.07
N SER B 131 0.54 -8.23 4.78
CA SER B 131 1.07 -7.07 4.09
C SER B 131 0.01 -5.98 4.09
N THR B 132 -1.25 -6.37 3.95
CA THR B 132 -2.35 -5.41 3.94
C THR B 132 -2.43 -4.67 5.27
N ILE B 133 -2.45 -5.40 6.38
CA ILE B 133 -2.70 -4.68 7.63
C ILE B 133 -1.47 -3.91 8.02
N VAL B 134 -0.28 -4.41 7.67
CA VAL B 134 0.89 -3.64 8.06
C VAL B 134 0.99 -2.37 7.23
N SER B 135 0.70 -2.40 5.94
CA SER B 135 0.68 -1.17 5.15
C SER B 135 -0.31 -0.19 5.76
N LYS B 136 -1.51 -0.66 6.10
CA LYS B 136 -2.52 0.27 6.68
C LYS B 136 -1.98 0.89 7.96
N LEU B 137 -1.39 0.11 8.85
CA LEU B 137 -0.84 0.60 10.12
C LEU B 137 0.24 1.62 9.89
N PHE B 138 1.05 1.39 8.86
CA PHE B 138 2.12 2.32 8.54
C PHE B 138 1.54 3.65 8.05
N ASN B 139 0.46 3.56 7.29
CA ASN B 139 -0.15 4.79 6.82
C ASN B 139 -0.86 5.55 7.93
N LEU B 140 -1.45 4.81 8.86
CA LEU B 140 -2.12 5.41 10.00
C LEU B 140 -1.16 5.98 11.02
N VAL B 141 -0.09 5.30 11.39
CA VAL B 141 0.82 5.70 12.47
C VAL B 141 1.99 6.55 11.96
N GLN B 142 2.36 6.37 10.72
CA GLN B 142 3.51 7.05 10.08
C GLN B 142 4.75 7.04 10.94
N PRO B 143 5.18 5.82 11.33
CA PRO B 143 6.30 5.71 12.25
C PRO B 143 7.62 5.91 11.52
N ASP B 144 8.69 6.21 12.25
CA ASP B 144 10.03 6.29 11.68
C ASP B 144 10.67 4.91 11.59
N ILE B 145 10.31 4.09 12.55
CA ILE B 145 10.86 2.74 12.75
C ILE B 145 9.78 1.74 13.04
N ALA B 146 9.89 0.49 12.61
CA ALA B 146 8.90 -0.52 13.00
C ALA B 146 9.71 -1.77 13.39
N CYS B 147 9.32 -2.41 14.47
CA CYS B 147 10.03 -3.59 15.01
C CYS B 147 9.24 -4.85 14.84
N PHE B 148 9.99 -5.88 14.39
CA PHE B 148 9.42 -7.18 14.11
C PHE B 148 10.37 -8.28 14.64
N GLY B 149 9.81 -9.39 15.09
CA GLY B 149 10.64 -10.45 15.66
C GLY B 149 11.28 -11.30 14.58
N GLU B 150 12.53 -11.69 14.77
CA GLU B 150 13.25 -12.57 13.84
C GLU B 150 12.66 -13.96 13.74
N LYS B 151 11.86 -14.43 14.70
CA LYS B 151 11.38 -15.80 14.63
C LYS B 151 10.44 -16.02 13.46
N ASP B 152 9.62 -14.99 13.18
CA ASP B 152 8.77 -15.05 12.00
C ASP B 152 9.57 -14.50 10.82
N PHE B 153 10.55 -15.30 10.39
CA PHE B 153 11.47 -14.83 9.36
C PHE B 153 10.73 -14.58 8.05
N GLN B 154 9.62 -15.28 7.82
CA GLN B 154 8.94 -15.08 6.54
C GLN B 154 8.25 -13.72 6.53
N GLN B 155 7.60 -13.39 7.63
CA GLN B 155 6.96 -12.08 7.79
C GLN B 155 7.96 -10.95 7.65
N LEU B 156 9.13 -11.09 8.25
CA LEU B 156 10.15 -10.07 8.23
C LEU B 156 10.60 -9.80 6.79
N ALA B 157 10.90 -10.86 6.06
CA ALA B 157 11.27 -10.68 4.66
C ALA B 157 10.17 -10.02 3.82
N LEU B 158 8.94 -10.43 4.05
CA LEU B 158 7.73 -9.95 3.44
C LEU B 158 7.59 -8.43 3.64
N ILE B 159 7.69 -7.98 4.88
CA ILE B 159 7.59 -6.54 5.18
C ILE B 159 8.80 -5.79 4.70
N ARG B 160 10.02 -6.31 4.77
CA ARG B 160 11.15 -5.58 4.19
C ARG B 160 10.97 -5.39 2.67
N LYS B 161 10.47 -6.38 1.96
CA LYS B 161 10.26 -6.26 0.52
C LYS B 161 9.12 -5.29 0.23
N MET B 162 8.03 -5.39 0.99
CA MET B 162 6.93 -4.43 0.82
C MET B 162 7.38 -2.99 0.98
N VAL B 163 8.20 -2.74 2.00
CA VAL B 163 8.71 -1.41 2.30
C VAL B 163 9.62 -0.91 1.18
N ALA B 164 10.49 -1.75 0.68
CA ALA B 164 11.40 -1.33 -0.39
C ALA B 164 10.61 -1.01 -1.65
N ASP B 165 9.68 -1.90 -1.99
CA ASP B 165 8.92 -1.74 -3.22
C ASP B 165 7.92 -0.59 -3.14
N MET B 166 7.19 -0.48 -2.04
CA MET B 166 6.13 0.54 -2.00
C MET B 166 6.64 1.91 -1.58
N GLY B 167 7.91 2.12 -1.25
CA GLY B 167 8.48 3.41 -0.94
C GLY B 167 8.23 4.02 0.41
N PHE B 168 7.85 3.20 1.38
CA PHE B 168 7.75 3.71 2.75
C PHE B 168 9.07 4.15 3.35
N ASP B 169 9.09 5.34 3.92
CA ASP B 169 10.27 5.88 4.56
C ASP B 169 10.37 5.38 6.00
N ILE B 170 10.49 4.08 6.17
CA ILE B 170 10.47 3.51 7.50
C ILE B 170 11.60 2.50 7.69
N GLU B 171 12.37 2.63 8.77
CA GLU B 171 13.38 1.62 9.06
C GLU B 171 12.77 0.39 9.69
N ILE B 172 12.99 -0.78 9.08
CA ILE B 172 12.45 -2.02 9.59
C ILE B 172 13.55 -2.71 10.41
N VAL B 173 13.24 -2.95 11.68
CA VAL B 173 14.19 -3.53 12.62
C VAL B 173 13.79 -4.95 12.99
N GLY B 174 14.68 -5.90 12.74
CA GLY B 174 14.43 -7.31 13.07
C GLY B 174 14.98 -7.52 14.47
N VAL B 175 14.19 -8.09 15.38
CA VAL B 175 14.71 -8.20 16.74
C VAL B 175 15.00 -9.69 17.02
N PRO B 176 16.25 -9.99 17.31
CA PRO B 176 16.60 -11.38 17.64
C PRO B 176 15.79 -11.92 18.80
N ILE B 177 15.53 -13.23 18.73
CA ILE B 177 14.66 -13.86 19.70
C ILE B 177 15.26 -13.76 21.11
N MET B 178 14.34 -14.00 22.05
CA MET B 178 14.77 -13.83 23.42
C MET B 178 15.53 -15.07 23.89
N ARG B 179 16.50 -14.82 24.73
CA ARG B 179 17.46 -15.84 25.11
C ARG B 179 17.97 -15.69 26.54
N ALA B 180 18.19 -16.83 27.16
CA ALA B 180 18.76 -16.81 28.52
C ALA B 180 20.19 -16.30 28.48
N LYS B 181 20.75 -15.96 29.64
CA LYS B 181 22.12 -15.43 29.61
C LYS B 181 23.09 -16.52 29.16
N ASP B 182 22.69 -17.79 29.29
CA ASP B 182 23.60 -18.83 28.81
C ASP B 182 23.39 -19.14 27.33
N GLY B 183 22.39 -18.51 26.71
CA GLY B 183 22.26 -18.62 25.27
C GLY B 183 21.07 -19.45 24.84
N LEU B 184 20.46 -20.15 25.80
CA LEU B 184 19.28 -20.96 25.50
C LEU B 184 18.10 -20.07 25.09
N ALA B 185 17.57 -20.40 23.91
CA ALA B 185 16.36 -19.77 23.38
C ALA B 185 15.18 -20.01 24.30
N LEU B 186 14.52 -18.94 24.74
CA LEU B 186 13.43 -19.26 25.69
C LEU B 186 12.27 -19.91 24.95
N SER B 187 11.53 -20.75 25.68
CA SER B 187 10.48 -21.55 25.05
C SER B 187 9.65 -22.32 26.06
N SER B 188 8.35 -22.40 25.81
CA SER B 188 7.51 -23.14 26.76
C SER B 188 7.97 -24.59 26.87
N ARG B 189 8.56 -25.10 25.80
CA ARG B 189 9.02 -26.49 25.71
C ARG B 189 10.22 -26.73 26.62
N ASN B 190 10.96 -25.65 26.90
CA ASN B 190 12.05 -25.76 27.86
C ASN B 190 11.60 -26.38 29.18
N GLY B 191 10.33 -26.23 29.58
CA GLY B 191 9.87 -26.76 30.85
C GLY B 191 10.04 -28.25 30.97
N TYR B 192 9.79 -28.97 29.88
CA TYR B 192 10.05 -30.39 29.82
C TYR B 192 11.52 -30.72 30.00
N LEU B 193 12.43 -29.75 30.01
CA LEU B 193 13.83 -30.11 30.25
C LEU B 193 14.10 -30.45 31.72
N THR B 194 14.69 -31.60 31.94
CA THR B 194 15.18 -31.99 33.25
C THR B 194 16.33 -31.06 33.61
N ALA B 195 16.85 -31.17 34.83
CA ALA B 195 17.96 -30.32 35.24
C ALA B 195 19.18 -30.59 34.37
N GLU B 196 19.42 -31.86 34.04
CA GLU B 196 20.66 -32.14 33.32
C GLU B 196 20.62 -31.68 31.85
N GLN B 197 19.53 -31.98 31.18
CA GLN B 197 19.25 -31.53 29.82
C GLN B 197 19.32 -30.00 29.77
N ARG B 198 18.80 -29.31 30.79
CA ARG B 198 18.92 -27.84 30.74
C ARG B 198 20.38 -27.41 30.71
N LYS B 199 21.24 -28.26 31.24
CA LYS B 199 22.68 -28.03 31.28
C LYS B 199 23.30 -28.27 29.92
N ILE B 200 22.79 -29.25 29.19
CA ILE B 200 23.32 -29.50 27.84
C ILE B 200 22.73 -28.58 26.78
N ALA B 201 21.51 -28.11 26.98
CA ALA B 201 20.74 -27.35 26.00
C ALA B 201 21.43 -26.11 25.43
N PRO B 202 22.19 -25.30 26.15
CA PRO B 202 22.90 -24.18 25.50
C PRO B 202 23.86 -24.55 24.37
N GLY B 203 24.23 -25.82 24.20
CA GLY B 203 25.08 -26.26 23.11
C GLY B 203 24.46 -25.98 21.74
N LEU B 204 23.13 -26.00 21.61
CA LEU B 204 22.46 -25.77 20.35
C LEU B 204 22.79 -24.37 19.83
N TYR B 205 22.67 -23.38 20.70
CA TYR B 205 22.98 -22.03 20.23
C TYR B 205 24.47 -21.88 19.94
N LYS B 206 25.34 -22.63 20.60
CA LYS B 206 26.76 -22.61 20.27
C LYS B 206 27.00 -23.11 18.86
N VAL B 207 26.31 -24.18 18.48
CA VAL B 207 26.51 -24.69 17.12
C VAL B 207 25.94 -23.73 16.08
N LEU B 208 24.76 -23.19 16.33
CA LEU B 208 24.13 -22.17 15.49
C LEU B 208 25.06 -20.98 15.28
N SER B 209 25.61 -20.49 16.39
CA SER B 209 26.58 -19.41 16.35
C SER B 209 27.79 -19.73 15.47
N SER B 210 28.26 -20.98 15.52
CA SER B 210 29.40 -21.41 14.71
C SER B 210 29.07 -21.41 13.22
N ILE B 211 27.85 -21.82 12.91
CA ILE B 211 27.41 -21.80 11.52
C ILE B 211 27.40 -20.36 11.03
N ALA B 212 26.78 -19.54 11.89
CA ALA B 212 26.70 -18.12 11.58
C ALA B 212 28.08 -17.54 11.33
N ASP B 213 29.02 -17.83 12.23
CA ASP B 213 30.38 -17.33 12.07
C ASP B 213 30.99 -17.79 10.75
N LYS B 214 30.75 -19.06 10.38
CA LYS B 214 31.33 -19.52 9.11
C LYS B 214 30.78 -18.74 7.93
N LEU B 215 29.47 -18.52 7.90
CA LEU B 215 28.84 -17.76 6.81
C LEU B 215 29.37 -16.34 6.76
N GLN B 216 29.65 -15.77 7.93
CA GLN B 216 30.24 -14.45 8.04
C GLN B 216 31.64 -14.44 7.43
N ALA B 217 32.35 -15.55 7.57
CA ALA B 217 33.73 -15.50 7.10
C ALA B 217 33.86 -15.75 5.60
N GLY B 218 32.74 -16.05 4.94
CA GLY B 218 32.69 -16.30 3.52
C GLY B 218 32.31 -17.71 3.12
N GLU B 219 32.28 -18.64 4.07
CA GLU B 219 32.07 -20.04 3.66
C GLU B 219 30.72 -20.26 2.98
N ARG B 220 30.73 -20.94 1.84
CA ARG B 220 29.47 -21.21 1.12
C ARG B 220 29.23 -22.68 0.76
N ASP B 221 29.96 -23.61 1.35
CA ASP B 221 29.67 -25.03 1.17
C ASP B 221 28.66 -25.48 2.21
N LEU B 222 27.40 -25.15 1.95
CA LEU B 222 26.35 -25.30 2.95
C LEU B 222 26.20 -26.73 3.42
N ASP B 223 26.26 -27.68 2.48
CA ASP B 223 26.04 -29.08 2.82
C ASP B 223 27.05 -29.50 3.86
N GLU B 224 28.27 -29.04 3.61
CA GLU B 224 29.37 -29.39 4.50
C GLU B 224 29.25 -28.71 5.86
N ILE B 225 28.91 -27.42 5.82
CA ILE B 225 28.68 -26.70 7.06
C ILE B 225 27.61 -27.38 7.89
N ILE B 226 26.54 -27.80 7.22
CA ILE B 226 25.41 -28.43 7.88
C ILE B 226 25.72 -29.84 8.36
N THR B 227 26.49 -30.60 7.56
CA THR B 227 26.92 -31.92 8.04
C THR B 227 27.83 -31.81 9.25
N ILE B 228 28.74 -30.85 9.23
CA ILE B 228 29.58 -30.70 10.41
C ILE B 228 28.81 -30.26 11.63
N ALA B 229 27.84 -29.36 11.41
CA ALA B 229 27.04 -28.90 12.56
C ALA B 229 26.30 -30.06 13.17
N GLY B 230 25.78 -30.96 12.33
CA GLY B 230 25.08 -32.12 12.82
C GLY B 230 25.99 -33.03 13.64
N GLN B 231 27.21 -33.18 13.14
CA GLN B 231 28.15 -34.00 13.92
C GLN B 231 28.44 -33.34 15.25
N GLU B 232 28.63 -32.02 15.26
CA GLU B 232 28.87 -31.35 16.53
C GLU B 232 27.71 -31.54 17.49
N LEU B 233 26.51 -31.52 16.92
CA LEU B 233 25.36 -31.64 17.82
C LEU B 233 25.34 -33.06 18.40
N ASN B 234 25.54 -34.04 17.52
CA ASN B 234 25.55 -35.45 17.96
C ASN B 234 26.55 -35.59 19.10
N GLU B 235 27.74 -35.02 18.90
CA GLU B 235 28.78 -35.15 19.93
C GLU B 235 28.35 -34.57 21.26
N LYS B 236 27.57 -33.50 21.26
CA LYS B 236 27.15 -32.86 22.50
C LYS B 236 25.96 -33.60 23.11
N GLY B 237 25.39 -34.53 22.36
CA GLY B 237 24.26 -35.27 22.89
C GLY B 237 22.93 -35.05 22.21
N PHE B 238 22.87 -34.19 21.20
CA PHE B 238 21.61 -33.98 20.49
C PHE B 238 21.42 -35.05 19.43
N ARG B 239 20.18 -35.14 18.93
CA ARG B 239 19.95 -36.04 17.81
C ARG B 239 19.00 -35.42 16.79
N ALA B 240 18.95 -36.08 15.65
CA ALA B 240 18.01 -35.81 14.57
C ALA B 240 17.89 -34.33 14.28
N ASP B 241 19.06 -33.71 14.09
CA ASP B 241 19.00 -32.31 13.69
C ASP B 241 18.34 -32.14 12.32
N ASP B 242 17.69 -31.01 12.15
CA ASP B 242 17.11 -30.51 10.91
C ASP B 242 17.53 -29.04 10.82
N ILE B 243 18.44 -28.78 9.89
CA ILE B 243 19.06 -27.47 9.77
C ILE B 243 18.84 -26.92 8.36
N GLN B 244 18.40 -25.67 8.27
CA GLN B 244 18.21 -25.00 6.98
C GLN B 244 18.90 -23.65 7.00
N ILE B 245 19.44 -23.33 5.84
CA ILE B 245 20.08 -22.04 5.63
C ILE B 245 19.49 -21.40 4.37
N ARG B 246 19.01 -20.18 4.50
CA ARG B 246 18.33 -19.49 3.41
C ARG B 246 18.82 -18.06 3.33
N ASP B 247 18.65 -17.47 2.16
CA ASP B 247 18.80 -16.04 1.96
C ASP B 247 17.68 -15.39 2.77
N ALA B 248 17.98 -14.45 3.62
CA ALA B 248 16.89 -13.99 4.51
C ALA B 248 15.97 -13.01 3.81
N ASP B 249 16.39 -12.48 2.67
CA ASP B 249 15.63 -11.50 1.90
C ASP B 249 14.73 -12.13 0.87
N THR B 250 15.22 -13.17 0.16
CA THR B 250 14.42 -13.85 -0.84
C THR B 250 13.87 -15.18 -0.37
N LEU B 251 14.41 -15.78 0.70
CA LEU B 251 13.99 -17.03 1.31
C LEU B 251 14.26 -18.29 0.49
N LEU B 252 15.06 -18.16 -0.51
CA LEU B 252 15.63 -19.09 -1.44
C LEU B 252 17.04 -19.44 -0.99
N GLU B 253 17.75 -20.21 -1.81
CA GLU B 253 19.12 -20.62 -1.52
C GLU B 253 20.04 -19.42 -1.45
N VAL B 254 21.04 -19.49 -0.58
CA VAL B 254 22.07 -18.46 -0.53
C VAL B 254 22.80 -18.39 -1.86
N SER B 255 23.05 -17.17 -2.32
CA SER B 255 23.69 -16.97 -3.62
C SER B 255 24.79 -15.91 -3.50
N GLU B 256 25.43 -15.66 -4.63
CA GLU B 256 26.48 -14.68 -4.78
C GLU B 256 25.93 -13.28 -4.50
N THR B 257 24.63 -13.17 -4.68
CA THR B 257 23.89 -11.94 -4.38
C THR B 257 23.38 -11.93 -2.94
N SER B 258 23.60 -12.99 -2.17
CA SER B 258 22.93 -12.91 -0.84
C SER B 258 23.54 -11.87 0.08
N LYS B 259 22.71 -11.08 0.78
CA LYS B 259 23.33 -10.13 1.71
C LYS B 259 23.03 -10.50 3.16
N ARG B 260 22.07 -11.38 3.36
CA ARG B 260 21.71 -11.80 4.71
C ARG B 260 21.26 -13.25 4.64
N ALA B 261 21.55 -14.01 5.68
CA ALA B 261 21.10 -15.40 5.77
C ALA B 261 20.30 -15.64 7.04
N VAL B 262 19.32 -16.51 6.98
CA VAL B 262 18.64 -16.98 8.17
C VAL B 262 19.01 -18.46 8.38
N ILE B 263 19.52 -18.80 9.56
CA ILE B 263 19.74 -20.21 9.91
C ILE B 263 18.67 -20.72 10.86
N LEU B 264 18.01 -21.80 10.51
CA LEU B 264 16.98 -22.44 11.28
C LEU B 264 17.43 -23.84 11.68
N VAL B 265 17.26 -24.17 12.95
CA VAL B 265 17.71 -25.47 13.42
C VAL B 265 16.70 -26.03 14.42
N ALA B 266 16.53 -27.32 14.32
CA ALA B 266 15.73 -28.10 15.26
C ALA B 266 16.54 -29.31 15.68
N ALA B 267 16.58 -29.63 16.98
CA ALA B 267 17.32 -30.84 17.34
C ALA B 267 16.68 -31.41 18.60
N TRP B 268 16.83 -32.70 18.73
CA TRP B 268 16.27 -33.37 19.91
C TRP B 268 17.31 -33.54 21.01
N LEU B 269 16.83 -33.30 22.22
CA LEU B 269 17.55 -33.48 23.47
C LEU B 269 16.68 -34.44 24.28
N GLY B 270 17.07 -35.71 24.26
CA GLY B 270 16.20 -36.74 24.79
C GLY B 270 14.89 -36.70 24.02
N ASP B 271 13.79 -36.54 24.74
CA ASP B 271 12.50 -36.54 24.08
C ASP B 271 12.04 -35.11 23.81
N ALA B 272 12.86 -34.15 24.22
CA ALA B 272 12.53 -32.74 23.97
C ALA B 272 13.09 -32.31 22.63
N ARG B 273 12.32 -31.51 21.92
CA ARG B 273 12.70 -31.05 20.60
C ARG B 273 12.90 -29.55 20.63
N LEU B 274 14.16 -29.13 20.58
CA LEU B 274 14.51 -27.73 20.68
C LEU B 274 14.66 -27.10 19.31
N ILE B 275 14.22 -25.84 19.23
CA ILE B 275 14.39 -25.11 17.99
C ILE B 275 15.06 -23.77 18.28
N ASP B 276 15.68 -23.21 17.25
CA ASP B 276 16.38 -21.96 17.45
C ASP B 276 16.59 -21.36 16.06
N ASN B 277 17.01 -20.11 16.01
CA ASN B 277 17.21 -19.48 14.73
C ASN B 277 18.18 -18.33 14.97
N LYS B 278 18.81 -17.94 13.87
CA LYS B 278 19.79 -16.86 13.87
C LYS B 278 19.85 -16.25 12.48
N MET B 279 19.91 -14.94 12.45
CA MET B 279 20.09 -14.21 11.19
C MET B 279 21.51 -13.68 11.19
N VAL B 280 22.09 -13.56 10.01
CA VAL B 280 23.45 -13.11 9.85
C VAL B 280 23.62 -12.24 8.60
N GLU B 281 24.40 -11.18 8.78
CA GLU B 281 24.70 -10.28 7.67
C GLU B 281 25.88 -10.82 6.90
N LEU B 282 25.80 -10.89 5.58
CA LEU B 282 26.93 -11.50 4.88
C LEU B 282 27.92 -10.46 4.36
C TRS C . -13.87 25.31 -28.55
C1 TRS C . -14.56 24.52 -29.67
C2 TRS C . -12.63 24.57 -28.04
C3 TRS C . -14.79 25.58 -27.35
N TRS C . -13.59 26.56 -29.22
O1 TRS C . -13.94 24.86 -30.94
O2 TRS C . -12.72 23.40 -27.18
O3 TRS C . -15.32 26.98 -27.38
C1 EDO D . -0.73 7.31 -12.64
O1 EDO D . 0.16 6.52 -13.61
C2 EDO D . -1.51 8.49 -13.29
C2 EDO D . -1.81 8.17 -13.36
O2 EDO D . -2.78 8.73 -12.40
O2 EDO D . -2.60 7.17 -14.28
C1 EDO E . 0.12 -8.27 11.75
O1 EDO E . -1.35 -8.51 12.06
C2 EDO E . 1.11 -8.62 12.88
C2 EDO E . 1.11 -9.00 12.68
O2 EDO E . 2.56 -8.61 12.25
O2 EDO E . 1.25 -10.48 12.18
#